data_1DE7
#
_entry.id   1DE7
#
_cell.length_a   54.070
_cell.length_b   81.260
_cell.length_c   85.460
_cell.angle_alpha   90.00
_cell.angle_beta   101.62
_cell.angle_gamma   90.00
#
_symmetry.space_group_name_H-M   'P 1 21 1'
#
loop_
_entity.id
_entity.type
_entity.pdbx_description
1 polymer 'ALPHA-THROMBIN (LIGHT CHAIN)'
2 polymer 'ALPHA-THROMBIN (HEAVY CHAIN)'
3 polymer 'FACTOR XIII ACTIVATION PEPTIDE (28-37)'
4 non-polymer 'SODIUM ION'
5 water water
#
loop_
_entity_poly.entity_id
_entity_poly.type
_entity_poly.pdbx_seq_one_letter_code
_entity_poly.pdbx_strand_id
1 'polypeptide(L)' TFGSGEADCGLRPLFEKKSLEDKTERELLESYIDGR L,J
2 'polypeptide(L)'
;IVEGSDAEIGMSPWQVMLFRKSPQELLCGASLISDRWVLTAAHCLLYPPWDKNFTENDLLVRIGKHSRTRYERNIEKISM
LEKIYIHPRYNWRENLDRDIALMKLKKPVAFSDYIHPVCLPDRETAASLLQAGYKGRVTGWGNLKETWTANVGKGQPSVL
QVVNLPIVERPVCKDSTRIRITDNMFCAGYKPDEGKRGDACEGDSGGPFVMKSPFNNRWYQMGIVSWGEGCDRDGKYGFY
THVFRLKKWIQKVIDQFGE
;
H,K
3 'polypeptide(L)' TVELQGVVP(AR7)(0QE) A,B
#
loop_
_chem_comp.id
_chem_comp.type
_chem_comp.name
_chem_comp.formula
0QE non-polymer chloromethane 'C H3 Cl'
AR7 peptide-like amino{[(4S)-4-amino-5,5-dihydroxypentyl]amino}methaniminium 'C6 H17 N4 O2 1'
NA non-polymer 'SODIUM ION' 'Na 1'
#
# COMPACT_ATOMS: atom_id res chain seq x y z
N GLU A 6 26.74 -3.06 -3.15
CA GLU A 6 27.77 -3.48 -4.08
C GLU A 6 28.01 -2.42 -5.15
N ALA A 7 29.21 -1.82 -5.12
CA ALA A 7 29.66 -0.79 -6.07
C ALA A 7 29.69 -1.24 -7.52
N ASP A 8 29.85 -2.55 -7.71
CA ASP A 8 29.94 -3.11 -9.04
C ASP A 8 28.73 -3.93 -9.48
N CYS A 9 27.67 -3.92 -8.66
CA CYS A 9 26.46 -4.67 -8.93
C CYS A 9 25.82 -4.39 -10.28
N GLY A 10 25.18 -5.40 -10.87
CA GLY A 10 24.38 -5.25 -12.09
C GLY A 10 25.16 -5.06 -13.37
N LEU A 11 26.49 -5.09 -13.35
CA LEU A 11 27.28 -4.96 -14.57
C LEU A 11 27.94 -6.30 -14.90
N ARG A 12 27.55 -6.94 -16.01
CA ARG A 12 27.99 -8.29 -16.33
C ARG A 12 29.37 -8.34 -16.99
N PRO A 13 30.36 -9.07 -16.43
CA PRO A 13 31.70 -9.22 -16.99
C PRO A 13 31.81 -9.56 -18.46
N LEU A 14 30.89 -10.37 -18.99
CA LEU A 14 30.89 -10.76 -20.39
C LEU A 14 30.00 -9.92 -21.29
N PHE A 15 29.27 -8.94 -20.74
CA PHE A 15 28.42 -8.09 -21.56
C PHE A 15 28.70 -6.60 -21.34
N GLU A 16 28.22 -5.95 -20.27
CA GLU A 16 28.44 -4.53 -20.05
C GLU A 16 29.91 -4.18 -19.94
N LYS A 17 30.60 -4.97 -19.11
CA LYS A 17 32.02 -4.81 -18.89
C LYS A 17 32.88 -5.05 -20.13
N LYS A 18 32.30 -5.64 -21.18
CA LYS A 18 32.98 -5.79 -22.45
C LYS A 18 32.31 -5.01 -23.57
N SER A 19 31.38 -4.11 -23.24
CA SER A 19 30.59 -3.34 -24.20
C SER A 19 29.82 -4.19 -25.22
N LEU A 20 29.52 -5.43 -24.83
CA LEU A 20 28.77 -6.36 -25.66
C LEU A 20 27.35 -6.41 -25.17
N GLU A 21 26.42 -6.57 -26.10
CA GLU A 21 25.03 -6.72 -25.77
C GLU A 21 24.57 -8.16 -25.84
N ASP A 22 23.60 -8.54 -24.99
CA ASP A 22 22.95 -9.82 -25.18
C ASP A 22 21.90 -9.72 -26.27
N LYS A 23 21.32 -10.84 -26.66
CA LYS A 23 20.39 -10.90 -27.78
C LYS A 23 19.05 -10.22 -27.59
N THR A 24 18.55 -10.05 -26.36
CA THR A 24 17.20 -9.53 -26.17
C THR A 24 17.15 -8.27 -25.33
N GLU A 25 18.29 -7.67 -24.95
CA GLU A 25 18.23 -6.48 -24.10
C GLU A 25 17.71 -5.24 -24.81
N ARG A 26 17.88 -5.09 -26.13
CA ARG A 26 17.31 -3.95 -26.83
C ARG A 26 15.80 -3.92 -26.72
N GLU A 27 15.18 -5.10 -26.74
CA GLU A 27 13.76 -5.27 -26.48
C GLU A 27 13.32 -4.67 -25.15
N LEU A 28 14.15 -4.78 -24.10
CA LEU A 28 13.87 -4.17 -22.82
C LEU A 28 14.03 -2.66 -22.88
N LEU A 29 15.14 -2.19 -23.45
CA LEU A 29 15.43 -0.77 -23.49
C LEU A 29 14.47 0.03 -24.38
N GLU A 30 14.01 -0.57 -25.49
CA GLU A 30 12.92 -0.05 -26.29
C GLU A 30 11.60 0.10 -25.56
N SER A 31 11.18 -0.82 -24.69
CA SER A 31 9.89 -0.70 -24.01
C SER A 31 9.86 0.42 -23.00
N TYR A 32 11.04 1.01 -22.70
CA TYR A 32 11.14 2.09 -21.74
C TYR A 32 10.84 3.42 -22.43
N ILE A 33 9.70 3.44 -23.14
CA ILE A 33 9.13 4.64 -23.75
C ILE A 33 7.63 4.80 -23.39
N ILE B 1 9.95 -21.61 -17.22
CA ILE B 1 9.70 -20.49 -18.10
C ILE B 1 9.07 -21.03 -19.35
N VAL B 2 7.85 -20.53 -19.60
CA VAL B 2 7.09 -20.86 -20.79
C VAL B 2 7.37 -19.80 -21.83
N GLU B 3 7.59 -20.24 -23.06
CA GLU B 3 7.86 -19.40 -24.23
C GLU B 3 9.05 -18.47 -24.13
N GLY B 4 10.00 -18.93 -23.32
CA GLY B 4 11.32 -18.33 -23.24
C GLY B 4 12.28 -18.90 -24.26
N SER B 5 13.54 -18.54 -24.05
CA SER B 5 14.62 -18.97 -24.93
C SER B 5 15.81 -19.40 -24.08
N ASP B 6 16.82 -20.03 -24.68
CA ASP B 6 18.03 -20.35 -23.95
C ASP B 6 18.83 -19.12 -23.65
N ALA B 7 19.23 -18.99 -22.39
CA ALA B 7 20.12 -17.93 -22.00
C ALA B 7 21.49 -18.14 -22.61
N GLU B 8 22.15 -17.02 -22.88
CA GLU B 8 23.55 -16.99 -23.26
C GLU B 8 24.40 -17.14 -22.02
N ILE B 9 25.65 -17.54 -22.23
CA ILE B 9 26.59 -17.71 -21.12
C ILE B 9 26.95 -16.36 -20.53
N GLY B 10 26.89 -16.29 -19.20
CA GLY B 10 27.14 -15.09 -18.44
C GLY B 10 26.02 -14.05 -18.55
N MET B 11 24.86 -14.36 -19.16
CA MET B 11 23.72 -13.47 -19.36
C MET B 11 23.03 -13.09 -18.06
N SER B 12 22.95 -14.04 -17.14
CA SER B 12 22.36 -13.78 -15.85
C SER B 12 23.31 -14.27 -14.76
N PRO B 13 24.45 -13.61 -14.46
CA PRO B 13 25.47 -14.12 -13.55
C PRO B 13 25.08 -14.11 -12.07
N TRP B 14 23.92 -13.50 -11.83
CA TRP B 14 23.31 -13.45 -10.53
C TRP B 14 22.39 -14.65 -10.27
N GLN B 15 22.20 -15.52 -11.27
CA GLN B 15 21.30 -16.67 -11.13
C GLN B 15 21.81 -17.67 -10.11
N VAL B 16 20.92 -18.04 -9.19
CA VAL B 16 21.23 -19.01 -8.15
C VAL B 16 20.18 -20.12 -8.20
N MET B 17 20.65 -21.37 -8.01
CA MET B 17 19.80 -22.55 -7.93
C MET B 17 19.67 -23.00 -6.49
N LEU B 18 18.43 -23.20 -6.01
CA LEU B 18 18.20 -23.73 -4.67
C LEU B 18 17.86 -25.22 -4.77
N PHE B 19 18.73 -26.03 -4.16
CA PHE B 19 18.60 -27.49 -4.16
C PHE B 19 18.29 -28.09 -2.79
N ARG B 20 17.47 -29.14 -2.81
CA ARG B 20 17.37 -30.07 -1.70
C ARG B 20 18.52 -31.07 -1.82
N LYS B 21 19.29 -31.29 -0.74
CA LYS B 21 20.40 -32.23 -0.75
C LYS B 21 19.98 -33.67 -1.00
N SER B 22 19.05 -34.17 -0.18
CA SER B 22 18.68 -35.58 -0.20
C SER B 22 17.18 -35.79 -0.05
N PRO B 23 16.42 -36.30 -1.04
CA PRO B 23 16.87 -36.60 -2.40
C PRO B 23 17.23 -35.32 -3.15
N GLN B 24 18.29 -35.39 -3.95
CA GLN B 24 18.76 -34.25 -4.71
C GLN B 24 17.67 -33.79 -5.66
N GLU B 25 17.24 -32.54 -5.42
CA GLU B 25 16.14 -31.98 -6.18
C GLU B 25 16.34 -30.47 -6.38
N LEU B 26 16.22 -29.97 -7.61
CA LEU B 26 16.14 -28.54 -7.84
C LEU B 26 14.78 -28.02 -7.39
N LEU B 27 14.78 -27.26 -6.30
CA LEU B 27 13.55 -26.73 -5.74
C LEU B 27 13.03 -25.44 -6.39
N CYS B 28 13.93 -24.48 -6.61
CA CYS B 28 13.57 -23.11 -6.92
C CYS B 28 14.76 -22.36 -7.49
N GLY B 29 14.48 -21.19 -8.05
CA GLY B 29 15.54 -20.24 -8.35
C GLY B 29 15.82 -19.34 -7.16
N ALA B 30 16.79 -18.46 -7.39
CA ALA B 30 17.18 -17.48 -6.41
C ALA B 30 18.10 -16.46 -7.09
N SER B 31 18.58 -15.47 -6.36
CA SER B 31 19.51 -14.51 -6.96
C SER B 31 20.55 -14.07 -5.96
N LEU B 32 21.75 -13.81 -6.50
CA LEU B 32 22.86 -13.38 -5.69
C LEU B 32 22.84 -11.86 -5.56
N ILE B 33 22.80 -11.34 -4.33
CA ILE B 33 22.81 -9.89 -4.10
C ILE B 33 24.10 -9.35 -3.49
N SER B 34 24.96 -10.23 -2.93
CA SER B 34 26.33 -9.89 -2.58
C SER B 34 27.16 -11.16 -2.68
N ASP B 35 28.38 -11.22 -2.13
CA ASP B 35 29.15 -12.46 -2.15
C ASP B 35 28.61 -13.51 -1.18
N ARG B 36 27.78 -13.11 -0.22
CA ARG B 36 27.21 -14.02 0.75
C ARG B 36 25.71 -13.91 1.01
N TRP B 37 24.95 -13.17 0.19
CA TRP B 37 23.52 -13.03 0.42
C TRP B 37 22.74 -13.38 -0.82
N VAL B 38 21.75 -14.26 -0.62
CA VAL B 38 20.93 -14.78 -1.71
C VAL B 38 19.46 -14.53 -1.39
N LEU B 39 18.74 -14.12 -2.42
CA LEU B 39 17.34 -13.83 -2.27
C LEU B 39 16.51 -14.91 -2.98
N THR B 40 15.39 -15.36 -2.39
CA THR B 40 14.49 -16.32 -3.02
C THR B 40 13.04 -16.06 -2.57
N ALA B 41 12.06 -16.83 -3.07
CA ALA B 41 10.70 -16.77 -2.56
C ALA B 41 10.61 -17.56 -1.25
N ALA B 42 9.94 -17.01 -0.21
CA ALA B 42 9.73 -17.72 1.04
C ALA B 42 9.00 -19.05 0.91
N HIS B 43 8.07 -19.24 -0.02
CA HIS B 43 7.35 -20.51 -0.19
C HIS B 43 8.22 -21.68 -0.67
N CYS B 44 9.43 -21.40 -1.16
CA CYS B 44 10.40 -22.41 -1.52
C CYS B 44 10.94 -23.13 -0.29
N LEU B 45 10.95 -22.40 0.82
CA LEU B 45 11.46 -22.84 2.11
C LEU B 45 10.35 -23.22 3.07
N LEU B 46 9.24 -22.47 3.05
CA LEU B 46 8.13 -22.65 3.98
C LEU B 46 6.78 -22.50 3.31
N TYR B 47 6.12 -23.64 3.15
CA TYR B 47 4.76 -23.64 2.69
C TYR B 47 4.06 -24.82 3.37
N PRO B 48 3.47 -24.59 4.55
CA PRO B 48 2.74 -25.59 5.32
C PRO B 48 1.60 -26.37 4.66
N PRO B 49 0.74 -25.89 3.73
CA PRO B 49 -0.22 -26.71 2.99
C PRO B 49 0.36 -27.90 2.25
N TRP B 50 1.65 -27.81 1.91
CA TRP B 50 2.39 -28.86 1.25
C TRP B 50 3.44 -29.49 2.16
N ASP B 51 3.29 -29.25 3.48
CA ASP B 51 4.19 -29.71 4.54
C ASP B 51 5.63 -29.22 4.42
N LYS B 52 5.85 -28.20 3.57
CA LYS B 52 7.17 -27.70 3.28
C LYS B 52 7.69 -26.82 4.39
N ASN B 53 8.84 -27.23 4.95
CA ASN B 53 9.53 -26.48 5.98
C ASN B 53 10.99 -26.92 6.02
N PHE B 54 11.74 -26.42 5.06
CA PHE B 54 13.17 -26.67 4.96
C PHE B 54 14.01 -25.85 5.89
N THR B 55 14.99 -26.51 6.48
CA THR B 55 15.95 -25.84 7.32
C THR B 55 17.26 -25.70 6.54
N GLU B 56 18.21 -24.97 7.10
CA GLU B 56 19.49 -24.68 6.45
C GLU B 56 20.23 -25.92 6.04
N ASN B 57 20.29 -26.96 6.90
CA ASN B 57 21.01 -28.17 6.57
C ASN B 57 20.38 -29.12 5.57
N ASP B 58 19.12 -28.88 5.20
CA ASP B 58 18.47 -29.62 4.12
C ASP B 58 18.87 -29.16 2.73
N LEU B 59 19.54 -28.02 2.63
CA LEU B 59 19.65 -27.28 1.38
C LEU B 59 21.07 -26.91 0.98
N LEU B 60 21.21 -26.70 -0.32
CA LEU B 60 22.38 -26.00 -0.84
C LEU B 60 21.99 -25.03 -1.95
N VAL B 61 22.91 -24.15 -2.31
CA VAL B 61 22.80 -23.40 -3.57
C VAL B 61 23.92 -23.70 -4.58
N ARG B 62 23.58 -23.73 -5.87
CA ARG B 62 24.55 -23.73 -6.97
C ARG B 62 24.52 -22.41 -7.72
N ILE B 63 25.70 -21.84 -7.99
CA ILE B 63 25.83 -20.52 -8.59
C ILE B 63 26.74 -20.61 -9.81
N GLY B 64 26.42 -19.88 -10.87
CA GLY B 64 27.26 -19.82 -12.05
C GLY B 64 26.91 -20.85 -13.10
N LYS B 65 25.77 -21.56 -12.97
CA LYS B 65 25.37 -22.56 -13.95
C LYS B 65 24.63 -22.05 -15.17
N HIS B 66 24.95 -22.67 -16.30
CA HIS B 66 24.28 -22.40 -17.55
C HIS B 66 23.39 -23.57 -17.91
N SER B 67 23.93 -24.78 -17.79
CA SER B 67 23.22 -25.98 -18.19
C SER B 67 23.29 -27.11 -17.19
N ARG B 68 22.17 -27.81 -17.13
CA ARG B 68 22.02 -28.97 -16.27
C ARG B 68 22.44 -30.27 -16.93
N THR B 69 22.79 -30.24 -18.23
CA THR B 69 23.38 -31.38 -18.91
C THR B 69 24.67 -31.87 -18.26
N ARG B 70 25.57 -30.98 -17.81
CA ARG B 70 26.74 -31.41 -17.07
C ARG B 70 27.28 -30.46 -16.02
N TYR B 71 28.16 -31.05 -15.19
CA TYR B 71 28.95 -30.29 -14.24
C TYR B 71 29.85 -29.30 -14.98
N GLU B 72 29.71 -28.02 -14.64
CA GLU B 72 30.49 -26.99 -15.31
C GLU B 72 31.72 -26.72 -14.47
N ARG B 73 32.75 -27.51 -14.78
CA ARG B 73 33.95 -27.59 -13.98
C ARG B 73 34.74 -26.30 -14.11
N ASN B 74 35.26 -25.78 -13.00
CA ASN B 74 35.96 -24.50 -12.89
C ASN B 74 35.07 -23.27 -13.13
N ILE B 75 33.75 -23.48 -13.29
CA ILE B 75 32.79 -22.42 -13.53
C ILE B 75 31.74 -22.39 -12.40
N GLU B 76 30.90 -23.42 -12.23
CA GLU B 76 29.89 -23.39 -11.19
C GLU B 76 30.44 -23.53 -9.79
N LYS B 77 29.75 -22.94 -8.81
CA LYS B 77 30.19 -22.96 -7.44
C LYS B 77 29.02 -23.31 -6.55
N ILE B 78 29.35 -23.66 -5.32
CA ILE B 78 28.36 -24.25 -4.45
C ILE B 78 28.58 -23.71 -3.05
N SER B 79 27.47 -23.54 -2.32
CA SER B 79 27.58 -23.18 -0.93
C SER B 79 26.46 -23.77 -0.11
N MET B 80 26.82 -24.04 1.14
CA MET B 80 25.89 -24.37 2.18
C MET B 80 25.30 -23.08 2.72
N LEU B 81 24.16 -23.19 3.40
CA LEU B 81 23.49 -22.03 3.99
C LEU B 81 23.81 -21.95 5.47
N GLU B 82 24.22 -20.75 5.87
CA GLU B 82 24.46 -20.43 7.26
C GLU B 82 23.17 -20.16 7.98
N LYS B 83 22.31 -19.37 7.34
CA LYS B 83 21.09 -18.94 7.96
C LYS B 83 20.03 -18.56 6.92
N ILE B 84 18.80 -18.92 7.24
CA ILE B 84 17.61 -18.58 6.47
C ILE B 84 16.80 -17.56 7.26
N TYR B 85 16.35 -16.51 6.54
CA TYR B 85 15.51 -15.45 7.07
C TYR B 85 14.30 -15.30 6.18
N ILE B 86 13.14 -15.68 6.73
CA ILE B 86 11.86 -15.55 6.06
C ILE B 86 11.16 -14.33 6.61
N HIS B 87 10.49 -13.56 5.74
CA HIS B 87 9.79 -12.35 6.17
C HIS B 87 8.83 -12.67 7.31
N PRO B 88 8.92 -11.97 8.47
CA PRO B 88 8.04 -12.13 9.62
C PRO B 88 6.55 -12.12 9.28
N ARG B 89 6.19 -11.30 8.30
CA ARG B 89 4.81 -11.10 7.90
C ARG B 89 4.50 -11.77 6.56
N TYR B 90 5.26 -12.81 6.14
CA TYR B 90 4.90 -13.67 5.01
C TYR B 90 3.55 -14.35 5.27
N ASN B 91 2.65 -14.22 4.28
CA ASN B 91 1.28 -14.67 4.44
C ASN B 91 0.96 -15.77 3.45
N TRP B 92 1.47 -16.96 3.78
CA TRP B 92 1.29 -18.15 2.96
C TRP B 92 -0.17 -18.56 2.80
N ARG B 93 -0.95 -18.33 3.85
CA ARG B 93 -2.33 -18.78 3.93
C ARG B 93 -3.28 -18.05 2.98
N GLU B 94 -3.21 -16.72 2.96
CA GLU B 94 -4.22 -15.94 2.25
C GLU B 94 -3.84 -15.61 0.82
N ASN B 95 -2.66 -15.03 0.60
CA ASN B 95 -2.36 -14.46 -0.70
C ASN B 95 -0.90 -14.50 -1.13
N LEU B 96 -0.03 -15.11 -0.30
CA LEU B 96 1.41 -15.20 -0.52
C LEU B 96 2.08 -13.82 -0.47
N ASP B 97 1.52 -12.94 0.36
CA ASP B 97 2.06 -11.62 0.57
C ASP B 97 3.42 -11.73 1.25
N ARG B 98 4.38 -10.93 0.78
CA ARG B 98 5.74 -10.91 1.29
C ARG B 98 6.42 -12.28 1.15
N ASP B 99 6.30 -12.80 -0.07
CA ASP B 99 6.89 -14.06 -0.46
C ASP B 99 8.37 -13.88 -0.82
N ILE B 100 9.12 -13.74 0.27
CA ILE B 100 10.53 -13.37 0.23
C ILE B 100 11.27 -14.00 1.39
N ALA B 101 12.46 -14.50 1.05
CA ALA B 101 13.41 -14.89 2.06
C ALA B 101 14.84 -14.53 1.66
N LEU B 102 15.65 -14.30 2.69
CA LEU B 102 17.07 -14.17 2.51
C LEU B 102 17.83 -15.40 2.99
N MET B 103 18.90 -15.77 2.29
CA MET B 103 19.78 -16.87 2.69
C MET B 103 21.23 -16.42 2.81
N LYS B 104 21.78 -16.52 4.01
CA LYS B 104 23.18 -16.20 4.24
C LYS B 104 24.03 -17.42 3.91
N LEU B 105 25.01 -17.23 3.03
CA LEU B 105 25.91 -18.29 2.62
C LEU B 105 26.98 -18.58 3.66
N LYS B 106 27.26 -19.87 3.92
CA LYS B 106 28.35 -20.28 4.81
C LYS B 106 29.70 -19.74 4.38
N LYS B 107 29.99 -19.98 3.10
CA LYS B 107 31.17 -19.45 2.46
C LYS B 107 30.81 -18.54 1.29
N PRO B 108 31.25 -17.27 1.36
CA PRO B 108 31.18 -16.32 0.25
C PRO B 108 31.75 -16.81 -1.06
N VAL B 109 30.95 -16.64 -2.10
CA VAL B 109 31.33 -17.05 -3.45
C VAL B 109 32.25 -16.03 -4.11
N ALA B 110 33.26 -16.53 -4.81
CA ALA B 110 34.15 -15.65 -5.52
C ALA B 110 33.46 -15.21 -6.79
N PHE B 111 33.44 -13.91 -7.07
CA PHE B 111 32.88 -13.44 -8.33
C PHE B 111 33.78 -13.81 -9.51
N SER B 112 33.12 -14.09 -10.63
CA SER B 112 33.80 -14.34 -11.89
C SER B 112 32.97 -13.79 -13.03
N ASP B 113 33.36 -14.13 -14.27
CA ASP B 113 32.58 -13.83 -15.46
C ASP B 113 31.18 -14.43 -15.45
N TYR B 114 31.01 -15.50 -14.66
CA TYR B 114 29.81 -16.30 -14.58
C TYR B 114 28.99 -16.03 -13.33
N ILE B 115 29.63 -15.37 -12.36
CA ILE B 115 29.07 -15.13 -11.04
C ILE B 115 29.24 -13.65 -10.66
N HIS B 116 28.13 -12.92 -10.54
CA HIS B 116 28.16 -11.48 -10.30
C HIS B 116 26.84 -11.03 -9.66
N PRO B 117 26.81 -10.22 -8.59
CA PRO B 117 25.58 -9.78 -7.95
C PRO B 117 24.79 -8.75 -8.78
N VAL B 118 23.46 -8.83 -8.65
CA VAL B 118 22.53 -7.89 -9.23
C VAL B 118 22.28 -6.76 -8.23
N CYS B 119 21.88 -5.57 -8.71
CA CYS B 119 21.54 -4.49 -7.82
C CYS B 119 20.11 -4.55 -7.32
N LEU B 120 19.95 -4.11 -6.08
CA LEU B 120 18.63 -3.83 -5.54
C LEU B 120 18.21 -2.44 -5.99
N PRO B 121 16.93 -2.19 -6.33
CA PRO B 121 16.46 -0.90 -6.83
C PRO B 121 16.49 0.20 -5.79
N ASP B 122 16.94 1.37 -6.26
CA ASP B 122 16.83 2.61 -5.49
C ASP B 122 15.53 3.36 -5.81
N ARG B 123 15.27 4.50 -5.12
CA ARG B 123 14.05 5.28 -5.35
C ARG B 123 13.82 5.73 -6.78
N GLU B 124 14.88 6.15 -7.47
CA GLU B 124 14.78 6.48 -8.88
C GLU B 124 14.42 5.31 -9.77
N THR B 125 15.08 4.15 -9.64
CA THR B 125 14.80 3.02 -10.52
C THR B 125 13.38 2.48 -10.32
N ALA B 126 12.93 2.41 -9.07
CA ALA B 126 11.57 2.00 -8.75
C ALA B 126 10.49 2.94 -9.28
N ALA B 127 10.60 4.25 -8.98
CA ALA B 127 9.66 5.24 -9.50
C ALA B 127 9.66 5.33 -11.02
N SER B 128 10.82 5.30 -11.66
CA SER B 128 10.95 5.36 -13.12
C SER B 128 10.62 4.13 -13.94
N LEU B 129 11.01 2.94 -13.47
CA LEU B 129 10.92 1.75 -14.31
C LEU B 129 9.75 0.86 -14.01
N LEU B 130 9.20 0.95 -12.80
CA LEU B 130 8.02 0.18 -12.43
C LEU B 130 6.72 0.79 -12.92
N GLN B 131 6.54 0.57 -14.21
CA GLN B 131 5.42 1.14 -14.96
C GLN B 131 4.93 0.14 -15.98
N ALA B 132 3.60 0.14 -16.15
CA ALA B 132 2.94 -0.71 -17.11
C ALA B 132 3.48 -0.53 -18.51
N GLY B 133 3.80 -1.65 -19.16
CA GLY B 133 4.32 -1.64 -20.51
C GLY B 133 5.83 -1.75 -20.54
N TYR B 134 6.53 -1.29 -19.50
CA TYR B 134 7.97 -1.46 -19.41
C TYR B 134 8.28 -2.94 -19.17
N LYS B 135 9.23 -3.49 -19.94
CA LYS B 135 9.55 -4.90 -19.85
C LYS B 135 10.63 -5.19 -18.85
N GLY B 136 10.48 -6.38 -18.25
CA GLY B 136 11.53 -6.94 -17.44
C GLY B 136 11.86 -8.35 -17.92
N ARG B 137 12.84 -8.96 -17.28
CA ARG B 137 13.34 -10.24 -17.75
C ARG B 137 13.21 -11.26 -16.64
N VAL B 138 12.60 -12.40 -16.95
CA VAL B 138 12.48 -13.48 -15.97
C VAL B 138 13.33 -14.66 -16.40
N THR B 139 14.09 -15.23 -15.47
CA THR B 139 14.94 -16.40 -15.72
C THR B 139 14.69 -17.62 -14.82
N GLY B 140 14.82 -18.83 -15.37
CA GLY B 140 14.74 -20.02 -14.52
C GLY B 140 14.89 -21.34 -15.23
N TRP B 141 14.98 -22.39 -14.42
CA TRP B 141 15.01 -23.77 -14.91
C TRP B 141 13.70 -24.49 -14.59
N GLY B 142 12.61 -23.77 -14.34
CA GLY B 142 11.30 -24.35 -14.06
C GLY B 142 10.64 -24.96 -15.27
N ASN B 143 9.39 -25.40 -15.14
CA ASN B 143 8.66 -26.06 -16.22
C ASN B 143 8.52 -25.27 -17.49
N LEU B 144 8.73 -25.95 -18.60
CA LEU B 144 8.57 -25.32 -19.89
C LEU B 144 7.13 -25.12 -20.29
N LYS B 145 6.19 -25.90 -19.73
CA LYS B 145 4.77 -25.74 -19.99
C LYS B 145 3.99 -25.98 -18.72
N GLU B 146 2.74 -25.53 -18.71
CA GLU B 146 1.87 -25.79 -17.57
C GLU B 146 1.60 -27.28 -17.41
N THR B 147 0.99 -27.86 -18.45
CA THR B 147 0.77 -29.29 -18.52
C THR B 147 1.74 -29.91 -19.52
N GLY B 155 10.17 -31.55 -20.43
CA GLY B 155 9.46 -31.15 -19.23
C GLY B 155 10.10 -29.93 -18.60
N GLN B 156 11.32 -30.13 -18.08
CA GLN B 156 12.17 -29.04 -17.62
C GLN B 156 13.42 -28.86 -18.48
N PRO B 157 13.97 -27.66 -18.69
CA PRO B 157 15.11 -27.45 -19.58
C PRO B 157 16.46 -27.85 -18.98
N SER B 158 17.42 -28.14 -19.84
CA SER B 158 18.80 -28.26 -19.38
C SER B 158 19.48 -26.89 -19.31
N VAL B 159 19.28 -26.06 -20.34
CA VAL B 159 19.82 -24.71 -20.36
C VAL B 159 18.82 -23.73 -19.72
N LEU B 160 19.36 -22.85 -18.86
CA LEU B 160 18.62 -21.73 -18.24
C LEU B 160 17.80 -20.98 -19.28
N GLN B 161 16.52 -20.84 -18.93
CA GLN B 161 15.57 -20.17 -19.81
C GLN B 161 15.40 -18.71 -19.42
N VAL B 162 15.16 -17.88 -20.45
CA VAL B 162 14.97 -16.45 -20.31
C VAL B 162 13.71 -15.99 -21.08
N VAL B 163 12.88 -15.16 -20.46
CA VAL B 163 11.74 -14.52 -21.14
C VAL B 163 11.65 -13.06 -20.72
N ASN B 164 11.32 -12.17 -21.66
CA ASN B 164 11.09 -10.78 -21.33
C ASN B 164 9.61 -10.45 -21.34
N LEU B 165 9.10 -9.87 -20.24
CA LEU B 165 7.67 -9.66 -20.04
C LEU B 165 7.35 -8.23 -19.61
N PRO B 166 6.31 -7.54 -20.12
CA PRO B 166 5.91 -6.20 -19.67
C PRO B 166 5.18 -6.23 -18.35
N ILE B 167 5.48 -5.26 -17.50
CA ILE B 167 4.68 -5.01 -16.31
C ILE B 167 3.25 -4.64 -16.72
N VAL B 168 2.27 -5.12 -15.98
CA VAL B 168 0.85 -4.92 -16.29
C VAL B 168 0.27 -3.96 -15.27
N GLU B 169 -0.67 -3.12 -15.73
CA GLU B 169 -1.37 -2.11 -14.91
C GLU B 169 -2.10 -2.82 -13.80
N ARG B 170 -1.99 -2.29 -12.58
CA ARG B 170 -2.59 -2.90 -11.40
C ARG B 170 -4.08 -3.20 -11.49
N PRO B 171 -5.02 -2.42 -12.07
CA PRO B 171 -6.42 -2.81 -12.19
C PRO B 171 -6.62 -4.00 -13.09
N VAL B 172 -5.79 -4.14 -14.13
CA VAL B 172 -5.79 -5.34 -14.96
C VAL B 172 -5.32 -6.54 -14.13
N CYS B 173 -4.23 -6.41 -13.34
CA CYS B 173 -3.75 -7.46 -12.44
C CYS B 173 -4.80 -7.90 -11.43
N LYS B 174 -5.48 -6.91 -10.83
CA LYS B 174 -6.51 -7.13 -9.83
C LYS B 174 -7.70 -7.92 -10.38
N ASP B 175 -8.20 -7.55 -11.56
CA ASP B 175 -9.37 -8.19 -12.14
C ASP B 175 -9.09 -9.53 -12.80
N SER B 176 -7.79 -9.89 -12.97
CA SER B 176 -7.39 -11.17 -13.52
C SER B 176 -7.42 -12.28 -12.48
N THR B 177 -7.41 -11.90 -11.21
CA THR B 177 -7.27 -12.86 -10.13
C THR B 177 -8.35 -12.66 -9.07
N ARG B 178 -8.64 -13.76 -8.37
CA ARG B 178 -9.50 -13.76 -7.20
C ARG B 178 -8.74 -13.64 -5.88
N ILE B 179 -7.39 -13.69 -5.95
CA ILE B 179 -6.51 -13.39 -4.83
C ILE B 179 -6.62 -11.92 -4.43
N ARG B 180 -6.67 -11.65 -3.13
CA ARG B 180 -6.53 -10.31 -2.62
C ARG B 180 -5.05 -9.92 -2.74
N ILE B 181 -4.75 -9.26 -3.87
CA ILE B 181 -3.41 -8.79 -4.16
C ILE B 181 -3.07 -7.58 -3.31
N THR B 182 -1.78 -7.39 -3.01
CA THR B 182 -1.34 -6.28 -2.19
C THR B 182 -0.31 -5.45 -2.96
N ASP B 183 0.25 -4.43 -2.31
CA ASP B 183 1.30 -3.60 -2.90
C ASP B 183 2.68 -4.26 -2.89
N ASN B 184 2.82 -5.35 -2.13
CA ASN B 184 4.06 -6.10 -2.05
C ASN B 184 4.22 -7.12 -3.16
N MET B 185 3.30 -7.07 -4.12
CA MET B 185 3.37 -7.84 -5.35
C MET B 185 3.00 -7.03 -6.58
N PHE B 186 3.49 -7.45 -7.75
CA PHE B 186 3.05 -6.91 -9.02
C PHE B 186 2.81 -8.02 -10.00
N CYS B 187 2.25 -7.72 -11.16
CA CYS B 187 2.08 -8.72 -12.18
C CYS B 187 2.69 -8.27 -13.49
N ALA B 188 3.05 -9.26 -14.30
CA ALA B 188 3.70 -9.02 -15.58
C ALA B 188 3.27 -10.09 -16.54
N GLY B 189 3.30 -9.79 -17.84
CA GLY B 189 2.84 -10.73 -18.85
C GLY B 189 2.10 -10.01 -19.96
N TYR B 190 2.04 -10.64 -21.13
CA TYR B 190 1.27 -10.13 -22.23
C TYR B 190 -0.20 -10.46 -22.09
N LYS B 191 -0.99 -9.48 -22.53
CA LYS B 191 -2.45 -9.59 -22.59
C LYS B 191 -2.87 -10.47 -23.75
N PRO B 192 -4.04 -11.14 -23.73
CA PRO B 192 -4.53 -11.95 -24.84
C PRO B 192 -4.66 -11.26 -26.20
N ASP B 193 -4.91 -9.93 -26.23
CA ASP B 193 -4.90 -9.17 -27.48
C ASP B 193 -3.54 -8.66 -27.90
N GLU B 194 -2.49 -9.01 -27.15
CA GLU B 194 -1.14 -8.65 -27.52
C GLU B 194 -0.39 -9.66 -28.38
N GLY B 195 0.76 -9.23 -28.89
CA GLY B 195 1.43 -9.95 -29.96
C GLY B 195 2.51 -10.91 -29.51
N LYS B 196 2.68 -11.13 -28.20
CA LYS B 196 3.55 -12.20 -27.69
C LYS B 196 2.91 -12.87 -26.48
N ARG B 197 3.57 -13.91 -25.95
CA ARG B 197 3.19 -14.52 -24.68
C ARG B 197 4.39 -14.91 -23.82
N GLY B 198 4.21 -15.81 -22.86
CA GLY B 198 5.29 -16.20 -21.98
C GLY B 198 4.89 -15.95 -20.54
N ASP B 199 5.55 -16.72 -19.68
CA ASP B 199 5.34 -16.65 -18.25
C ASP B 199 6.44 -17.43 -17.56
N ALA B 200 6.55 -17.21 -16.25
CA ALA B 200 7.23 -18.14 -15.36
C ALA B 200 6.28 -19.33 -15.11
N CYS B 201 6.80 -20.40 -14.51
CA CYS B 201 5.99 -21.57 -14.24
C CYS B 201 6.54 -22.28 -13.01
N GLU B 202 6.10 -23.52 -12.77
CA GLU B 202 6.50 -24.33 -11.64
C GLU B 202 8.01 -24.53 -11.61
N GLY B 203 8.61 -24.38 -10.43
CA GLY B 203 10.05 -24.47 -10.33
C GLY B 203 10.73 -23.12 -10.51
N ASP B 204 10.08 -22.10 -11.10
CA ASP B 204 10.72 -20.80 -11.30
C ASP B 204 10.74 -19.85 -10.14
N SER B 205 9.97 -20.09 -9.06
CA SER B 205 9.94 -19.22 -7.89
C SER B 205 11.28 -18.91 -7.29
N GLY B 206 11.41 -17.73 -6.70
CA GLY B 206 12.69 -17.26 -6.22
C GLY B 206 13.58 -16.66 -7.30
N GLY B 207 13.38 -17.00 -8.58
CA GLY B 207 14.14 -16.43 -9.69
C GLY B 207 13.87 -14.94 -9.83
N PRO B 208 14.82 -14.15 -10.36
CA PRO B 208 14.67 -12.71 -10.50
C PRO B 208 13.90 -12.18 -11.71
N PHE B 209 13.10 -11.14 -11.43
CA PHE B 209 12.53 -10.29 -12.48
C PHE B 209 13.44 -9.08 -12.46
N VAL B 210 14.23 -8.93 -13.52
CA VAL B 210 15.25 -7.91 -13.58
C VAL B 210 14.95 -6.85 -14.66
N MET B 211 15.50 -5.65 -14.46
CA MET B 211 15.38 -4.58 -15.46
C MET B 211 16.73 -3.93 -15.68
N LYS B 212 17.11 -3.67 -16.94
CA LYS B 212 18.32 -2.89 -17.21
C LYS B 212 18.00 -1.40 -17.22
N SER B 213 18.50 -0.65 -16.24
CA SER B 213 18.37 0.79 -16.19
C SER B 213 18.99 1.49 -17.40
N PRO B 214 18.21 2.29 -18.14
CA PRO B 214 18.72 3.12 -19.24
C PRO B 214 19.51 4.33 -18.77
N PHE B 215 19.53 4.55 -17.46
CA PHE B 215 20.18 5.69 -16.85
C PHE B 215 21.63 5.44 -16.48
N ASN B 216 21.97 4.20 -16.07
CA ASN B 216 23.34 3.86 -15.70
C ASN B 216 23.82 2.50 -16.22
N ASN B 217 22.98 1.87 -17.03
CA ASN B 217 23.24 0.58 -17.67
C ASN B 217 23.46 -0.62 -16.72
N ARG B 218 22.96 -0.52 -15.49
CA ARG B 218 22.99 -1.59 -14.51
C ARG B 218 21.70 -2.37 -14.46
N TRP B 219 21.86 -3.67 -14.24
CA TRP B 219 20.71 -4.52 -14.00
C TRP B 219 20.25 -4.44 -12.55
N TYR B 220 18.93 -4.28 -12.39
CA TYR B 220 18.30 -4.12 -11.08
C TYR B 220 17.27 -5.22 -10.93
N GLN B 221 17.22 -5.86 -9.77
CA GLN B 221 16.18 -6.85 -9.53
C GLN B 221 14.96 -6.16 -8.95
N MET B 222 13.90 -6.17 -9.74
CA MET B 222 12.64 -5.53 -9.34
C MET B 222 11.64 -6.48 -8.69
N GLY B 223 11.67 -7.77 -9.07
CA GLY B 223 10.74 -8.75 -8.53
C GLY B 223 11.33 -10.13 -8.30
N ILE B 224 10.56 -10.98 -7.60
CA ILE B 224 10.91 -12.40 -7.37
C ILE B 224 9.73 -13.23 -7.86
N VAL B 225 9.90 -14.21 -8.77
CA VAL B 225 8.81 -15.12 -9.18
C VAL B 225 8.08 -15.68 -7.96
N SER B 226 6.75 -15.53 -7.94
CA SER B 226 6.01 -15.90 -6.76
C SER B 226 4.82 -16.82 -6.99
N TRP B 227 3.85 -16.47 -7.84
CA TRP B 227 2.64 -17.26 -8.03
C TRP B 227 1.93 -16.96 -9.33
N GLY B 228 0.97 -17.82 -9.62
CA GLY B 228 0.13 -17.69 -10.79
C GLY B 228 -0.99 -18.72 -10.78
N GLU B 229 -1.95 -18.53 -11.69
CA GLU B 229 -3.01 -19.47 -11.99
C GLU B 229 -2.59 -20.22 -13.24
N GLY B 230 -2.06 -21.43 -13.02
CA GLY B 230 -1.41 -22.19 -14.06
C GLY B 230 -0.20 -21.44 -14.60
N CYS B 231 0.08 -21.62 -15.88
CA CYS B 231 1.20 -20.95 -16.53
C CYS B 231 0.78 -20.56 -17.93
N ASP B 232 1.07 -19.30 -18.27
CA ASP B 232 0.89 -18.75 -19.61
C ASP B 232 -0.54 -18.82 -20.15
N ARG B 233 -1.53 -18.75 -19.25
CA ARG B 233 -2.92 -18.74 -19.70
C ARG B 233 -3.27 -17.35 -20.20
N ASP B 234 -4.05 -17.32 -21.29
CA ASP B 234 -4.70 -16.10 -21.76
C ASP B 234 -5.58 -15.46 -20.72
N GLY B 235 -5.30 -14.18 -20.48
CA GLY B 235 -6.00 -13.39 -19.49
C GLY B 235 -5.47 -13.54 -18.08
N LYS B 236 -4.49 -14.43 -17.85
CA LYS B 236 -3.81 -14.56 -16.58
C LYS B 236 -2.39 -14.00 -16.67
N TYR B 237 -1.89 -13.61 -15.49
CA TYR B 237 -0.59 -12.96 -15.38
C TYR B 237 0.24 -13.57 -14.25
N GLY B 238 1.57 -13.63 -14.41
CA GLY B 238 2.49 -14.03 -13.36
C GLY B 238 2.65 -12.95 -12.32
N PHE B 239 2.57 -13.32 -11.04
CA PHE B 239 2.77 -12.40 -9.94
C PHE B 239 4.15 -12.54 -9.35
N TYR B 240 4.65 -11.41 -8.89
CA TYR B 240 6.04 -11.26 -8.49
C TYR B 240 6.11 -10.50 -7.18
N THR B 241 6.99 -10.89 -6.27
CA THR B 241 7.22 -10.16 -5.03
C THR B 241 7.88 -8.82 -5.36
N HIS B 242 7.41 -7.73 -4.74
CA HIS B 242 7.87 -6.40 -5.10
C HIS B 242 9.10 -6.06 -4.29
N VAL B 243 10.29 -6.12 -4.91
CA VAL B 243 11.55 -6.07 -4.16
C VAL B 243 11.77 -4.73 -3.49
N PHE B 244 11.45 -3.65 -4.23
CA PHE B 244 11.60 -2.32 -3.68
C PHE B 244 10.73 -2.08 -2.45
N ARG B 245 9.48 -2.53 -2.42
CA ARG B 245 8.63 -2.43 -1.23
C ARG B 245 9.19 -3.08 0.03
N LEU B 246 9.98 -4.15 -0.15
CA LEU B 246 10.50 -4.93 0.96
C LEU B 246 11.97 -4.70 1.20
N LYS B 247 12.52 -3.66 0.55
CA LYS B 247 13.93 -3.33 0.59
C LYS B 247 14.42 -2.94 1.98
N LYS B 248 13.60 -2.30 2.82
CA LYS B 248 14.02 -2.00 4.17
C LYS B 248 14.18 -3.21 5.07
N TRP B 249 13.37 -4.26 4.86
CA TRP B 249 13.55 -5.57 5.47
C TRP B 249 14.87 -6.19 5.06
N ILE B 250 15.12 -6.27 3.75
CA ILE B 250 16.32 -6.82 3.17
C ILE B 250 17.56 -6.20 3.81
N GLN B 251 17.60 -4.85 3.83
CA GLN B 251 18.67 -4.11 4.46
C GLN B 251 18.76 -4.35 5.94
N LYS B 252 17.64 -4.38 6.69
CA LYS B 252 17.68 -4.64 8.12
C LYS B 252 18.29 -6.00 8.47
N VAL B 253 17.90 -7.07 7.74
CA VAL B 253 18.47 -8.41 7.90
C VAL B 253 19.96 -8.45 7.64
N ILE B 254 20.35 -7.97 6.46
CA ILE B 254 21.75 -7.87 6.05
C ILE B 254 22.61 -7.03 7.01
N ASP B 255 22.05 -5.94 7.55
CA ASP B 255 22.75 -5.07 8.47
C ASP B 255 22.83 -5.59 9.91
N GLN B 256 21.90 -6.45 10.33
CA GLN B 256 21.97 -7.15 11.62
C GLN B 256 22.81 -8.43 11.55
N ASP C 8 -14.72 2.06 25.92
CA ASP C 8 -15.32 1.35 24.81
C ASP C 8 -15.31 2.09 23.45
N CYS C 9 -14.63 3.23 23.35
CA CYS C 9 -14.47 3.95 22.09
C CYS C 9 -13.81 3.15 20.97
N GLY C 10 -14.22 3.43 19.73
CA GLY C 10 -13.55 2.93 18.54
C GLY C 10 -13.83 1.48 18.21
N LEU C 11 -14.69 0.81 19.00
CA LEU C 11 -15.08 -0.57 18.75
C LEU C 11 -16.52 -0.63 18.28
N ARG C 12 -16.71 -0.86 16.98
CA ARG C 12 -18.01 -0.78 16.34
C ARG C 12 -18.88 -1.97 16.68
N PRO C 13 -20.15 -1.76 17.06
CA PRO C 13 -21.10 -2.84 17.40
C PRO C 13 -21.30 -3.86 16.29
N LEU C 14 -21.39 -3.39 15.04
CA LEU C 14 -21.60 -4.29 13.91
C LEU C 14 -20.35 -4.94 13.36
N PHE C 15 -19.16 -4.57 13.85
CA PHE C 15 -17.91 -5.10 13.34
C PHE C 15 -17.00 -5.67 14.41
N GLU C 16 -16.23 -4.85 15.14
CA GLU C 16 -15.28 -5.34 16.13
C GLU C 16 -15.94 -6.13 17.24
N LYS C 17 -17.14 -5.71 17.65
CA LYS C 17 -17.91 -6.44 18.63
C LYS C 17 -18.57 -7.73 18.13
N LYS C 18 -18.82 -7.86 16.83
CA LYS C 18 -19.32 -9.10 16.26
C LYS C 18 -18.25 -9.94 15.58
N SER C 19 -16.96 -9.61 15.79
CA SER C 19 -15.81 -10.21 15.11
C SER C 19 -15.93 -10.31 13.61
N LEU C 20 -16.47 -9.23 13.05
CA LEU C 20 -16.64 -9.06 11.62
C LEU C 20 -15.74 -7.95 11.17
N GLU C 21 -15.17 -8.10 9.98
CA GLU C 21 -14.33 -7.07 9.39
C GLU C 21 -15.13 -6.31 8.35
N ASP C 22 -14.89 -5.00 8.19
CA ASP C 22 -15.38 -4.34 6.99
C ASP C 22 -14.57 -4.73 5.75
N LYS C 23 -15.04 -4.43 4.54
CA LYS C 23 -14.34 -4.86 3.34
C LYS C 23 -13.04 -4.16 2.97
N THR C 24 -12.65 -3.07 3.65
CA THR C 24 -11.43 -2.37 3.27
C THR C 24 -10.43 -2.18 4.41
N GLU C 25 -10.75 -2.62 5.65
CA GLU C 25 -9.86 -2.42 6.78
C GLU C 25 -8.54 -3.18 6.79
N ARG C 26 -8.42 -4.32 6.09
CA ARG C 26 -7.14 -5.02 5.96
C ARG C 26 -6.11 -4.20 5.21
N GLU C 27 -6.59 -3.36 4.29
CA GLU C 27 -5.81 -2.41 3.53
C GLU C 27 -5.14 -1.37 4.40
N LEU C 28 -5.84 -0.88 5.42
CA LEU C 28 -5.26 0.04 6.39
C LEU C 28 -4.23 -0.65 7.25
N LEU C 29 -4.59 -1.83 7.79
CA LEU C 29 -3.71 -2.58 8.68
C LEU C 29 -2.44 -3.04 7.98
N GLU C 30 -2.50 -3.47 6.72
CA GLU C 30 -1.29 -3.80 5.99
C GLU C 30 -0.46 -2.66 5.45
N SER C 31 -0.98 -1.42 5.39
CA SER C 31 -0.16 -0.25 5.10
C SER C 31 0.72 0.16 6.28
N TYR C 32 0.28 -0.21 7.49
CA TYR C 32 1.07 -0.07 8.71
C TYR C 32 2.22 -1.10 8.74
N ILE C 33 2.24 -1.95 7.71
CA ILE C 33 3.08 -3.12 7.43
C ILE C 33 3.02 -4.27 8.45
N ILE D 1 -16.68 13.32 -0.93
CA ILE D 1 -15.61 12.37 -1.17
C ILE D 1 -15.59 12.02 -2.65
N VAL D 2 -14.41 12.25 -3.21
CA VAL D 2 -14.12 11.92 -4.60
C VAL D 2 -13.40 10.58 -4.61
N GLU D 3 -13.87 9.69 -5.48
CA GLU D 3 -13.27 8.38 -5.73
C GLU D 3 -13.35 7.42 -4.55
N GLY D 4 -14.32 7.70 -3.68
CA GLY D 4 -14.65 6.81 -2.60
C GLY D 4 -15.71 5.80 -3.04
N SER D 5 -16.34 5.22 -2.05
CA SER D 5 -17.30 4.14 -2.25
C SER D 5 -18.40 4.23 -1.20
N ASP D 6 -19.53 3.54 -1.39
CA ASP D 6 -20.58 3.52 -0.38
C ASP D 6 -20.11 2.82 0.87
N ALA D 7 -20.41 3.44 2.02
CA ALA D 7 -20.11 2.84 3.30
C ALA D 7 -21.00 1.64 3.56
N GLU D 8 -20.49 0.68 4.32
CA GLU D 8 -21.32 -0.37 4.88
C GLU D 8 -22.12 0.19 6.04
N ILE D 9 -23.22 -0.48 6.40
CA ILE D 9 -24.05 -0.05 7.53
C ILE D 9 -23.27 -0.23 8.82
N GLY D 10 -23.22 0.82 9.65
CA GLY D 10 -22.46 0.79 10.89
C GLY D 10 -20.94 0.72 10.70
N MET D 11 -20.42 1.02 9.50
CA MET D 11 -18.99 1.08 9.23
C MET D 11 -18.32 2.26 9.91
N SER D 12 -19.04 3.38 10.05
CA SER D 12 -18.52 4.56 10.69
C SER D 12 -19.59 5.08 11.65
N PRO D 13 -19.86 4.44 12.80
CA PRO D 13 -20.93 4.83 13.72
C PRO D 13 -20.70 6.08 14.55
N TRP D 14 -19.50 6.64 14.47
CA TRP D 14 -19.18 7.96 15.00
C TRP D 14 -19.56 9.08 14.04
N GLN D 15 -20.09 8.76 12.85
CA GLN D 15 -20.39 9.78 11.84
C GLN D 15 -21.57 10.64 12.26
N VAL D 16 -21.27 11.94 12.26
CA VAL D 16 -22.23 12.96 12.57
C VAL D 16 -22.39 13.85 11.35
N MET D 17 -23.62 14.33 11.20
CA MET D 17 -24.00 15.23 10.13
C MET D 17 -24.32 16.61 10.71
N LEU D 18 -23.59 17.68 10.36
CA LEU D 18 -23.90 19.06 10.77
C LEU D 18 -24.87 19.74 9.82
N PHE D 19 -25.98 20.16 10.41
CA PHE D 19 -27.19 20.48 9.66
C PHE D 19 -27.77 21.79 10.16
N ARG D 20 -27.99 22.68 9.20
CA ARG D 20 -28.69 23.93 9.42
C ARG D 20 -30.19 23.68 9.42
N LYS D 21 -30.90 24.21 10.43
CA LYS D 21 -32.33 23.99 10.60
C LYS D 21 -33.16 24.67 9.53
N SER D 22 -32.86 25.95 9.30
CA SER D 22 -33.54 26.73 8.28
C SER D 22 -32.67 27.85 7.69
N PRO D 23 -32.35 27.81 6.36
CA PRO D 23 -32.77 26.77 5.42
C PRO D 23 -32.11 25.41 5.66
N GLN D 24 -32.99 24.40 5.63
CA GLN D 24 -32.66 23.04 6.00
C GLN D 24 -31.55 22.44 5.14
N GLU D 25 -30.30 22.45 5.63
CA GLU D 25 -29.17 21.96 4.86
C GLU D 25 -28.01 21.30 5.59
N LEU D 26 -27.41 20.34 4.90
CA LEU D 26 -26.15 19.73 5.31
C LEU D 26 -24.96 20.64 5.06
N LEU D 27 -24.39 21.16 6.16
CA LEU D 27 -23.24 22.05 6.11
C LEU D 27 -21.89 21.36 6.06
N CYS D 28 -21.78 20.29 6.86
CA CYS D 28 -20.52 19.64 7.13
C CYS D 28 -20.66 18.22 7.66
N GLY D 29 -19.52 17.55 7.75
CA GLY D 29 -19.41 16.35 8.56
C GLY D 29 -18.92 16.72 9.95
N ALA D 30 -18.97 15.71 10.82
CA ALA D 30 -18.49 15.81 12.17
C ALA D 30 -18.31 14.41 12.75
N SER D 31 -17.79 14.25 13.97
CA SER D 31 -17.61 12.93 14.57
C SER D 31 -18.01 12.89 16.03
N LEU D 32 -18.58 11.75 16.46
CA LEU D 32 -19.00 11.57 17.84
C LEU D 32 -17.85 11.08 18.72
N ILE D 33 -17.52 11.84 19.76
CA ILE D 33 -16.45 11.48 20.67
C ILE D 33 -16.90 11.12 22.10
N SER D 34 -18.20 11.28 22.41
CA SER D 34 -18.83 11.02 23.71
C SER D 34 -20.33 10.86 23.53
N ASP D 35 -21.12 10.70 24.59
CA ASP D 35 -22.56 10.90 24.50
C ASP D 35 -22.99 12.36 24.37
N ARG D 36 -22.13 13.29 24.78
CA ARG D 36 -22.39 14.72 24.83
C ARG D 36 -21.46 15.59 24.01
N TRP D 37 -20.40 15.06 23.39
CA TRP D 37 -19.44 15.89 22.66
C TRP D 37 -19.24 15.45 21.22
N VAL D 38 -19.30 16.42 20.31
CA VAL D 38 -19.11 16.18 18.88
C VAL D 38 -17.97 17.06 18.37
N LEU D 39 -17.07 16.49 17.55
CA LEU D 39 -15.98 17.25 16.93
C LEU D 39 -16.34 17.68 15.52
N THR D 40 -15.89 18.87 15.12
CA THR D 40 -15.98 19.30 13.74
C THR D 40 -14.83 20.26 13.42
N ALA D 41 -14.81 20.77 12.19
CA ALA D 41 -13.94 21.88 11.82
C ALA D 41 -14.59 23.25 12.10
N ALA D 42 -13.76 24.16 12.59
CA ALA D 42 -14.18 25.49 12.93
C ALA D 42 -14.70 26.34 11.78
N HIS D 43 -14.28 26.15 10.52
CA HIS D 43 -14.83 26.91 9.39
C HIS D 43 -16.25 26.52 9.01
N CYS D 44 -16.72 25.36 9.48
CA CYS D 44 -18.11 24.96 9.36
C CYS D 44 -19.04 25.85 10.19
N LEU D 45 -18.44 26.46 11.21
CA LEU D 45 -19.17 27.30 12.15
C LEU D 45 -18.83 28.77 11.97
N LEU D 46 -17.53 29.10 11.93
CA LEU D 46 -17.03 30.45 11.74
C LEU D 46 -16.11 30.52 10.52
N TYR D 47 -16.62 31.05 9.41
CA TYR D 47 -15.74 31.41 8.32
C TYR D 47 -16.21 32.73 7.72
N PRO D 48 -15.71 33.87 8.23
CA PRO D 48 -16.10 35.21 7.80
C PRO D 48 -16.12 35.53 6.29
N PRO D 49 -15.17 35.15 5.41
CA PRO D 49 -15.26 35.36 3.97
C PRO D 49 -16.42 34.70 3.24
N TRP D 50 -17.10 33.78 3.94
CA TRP D 50 -18.28 33.13 3.38
C TRP D 50 -19.56 33.53 4.11
N ASP D 51 -19.46 34.49 5.04
CA ASP D 51 -20.54 34.95 5.92
C ASP D 51 -21.04 33.95 6.96
N LYS D 52 -20.24 32.91 7.21
CA LYS D 52 -20.55 31.90 8.20
C LYS D 52 -20.15 32.35 9.60
N ASN D 53 -21.16 32.24 10.46
CA ASN D 53 -21.03 32.46 11.89
C ASN D 53 -22.30 31.91 12.53
N PHE D 54 -22.20 30.79 13.24
CA PHE D 54 -23.41 30.15 13.76
C PHE D 54 -23.61 30.16 15.27
N THR D 55 -24.91 30.21 15.58
CA THR D 55 -25.45 30.00 16.90
C THR D 55 -25.77 28.52 17.03
N GLU D 56 -25.80 28.09 18.29
CA GLU D 56 -26.20 26.75 18.69
C GLU D 56 -27.65 26.44 18.31
N ASN D 57 -28.46 27.49 18.21
CA ASN D 57 -29.87 27.38 17.85
C ASN D 57 -30.12 27.36 16.34
N ASP D 58 -29.14 27.75 15.53
CA ASP D 58 -29.21 27.67 14.07
C ASP D 58 -28.98 26.28 13.49
N LEU D 59 -28.50 25.39 14.37
CA LEU D 59 -27.96 24.10 13.99
C LEU D 59 -28.50 22.94 14.80
N LEU D 60 -28.43 21.77 14.17
CA LEU D 60 -28.54 20.51 14.87
C LEU D 60 -27.61 19.46 14.29
N VAL D 61 -27.46 18.33 14.98
CA VAL D 61 -26.70 17.20 14.42
C VAL D 61 -27.57 15.99 14.18
N ARG D 62 -27.31 15.26 13.11
CA ARG D 62 -28.05 14.02 12.81
C ARG D 62 -27.06 12.85 12.89
N ILE D 63 -27.26 12.00 13.89
CA ILE D 63 -26.32 10.92 14.17
C ILE D 63 -26.92 9.57 13.78
N GLY D 64 -26.13 8.60 13.33
CA GLY D 64 -26.63 7.27 13.03
C GLY D 64 -26.94 7.04 11.56
N LYS D 65 -26.67 8.03 10.70
CA LYS D 65 -27.11 8.03 9.32
C LYS D 65 -26.24 7.32 8.29
N HIS D 66 -26.90 6.92 7.21
CA HIS D 66 -26.28 6.27 6.07
C HIS D 66 -26.59 7.12 4.84
N SER D 67 -27.87 7.32 4.56
CA SER D 67 -28.35 8.17 3.48
C SER D 67 -28.19 9.65 3.78
N ARG D 68 -27.86 10.44 2.75
CA ARG D 68 -27.75 11.89 2.84
C ARG D 68 -29.07 12.62 3.07
N THR D 69 -30.11 12.11 2.40
CA THR D 69 -31.41 12.77 2.33
C THR D 69 -32.55 12.15 3.13
N ARG D 70 -32.62 10.82 3.19
CA ARG D 70 -33.69 10.10 3.86
C ARG D 70 -33.70 10.13 5.37
N TYR D 71 -34.90 10.26 5.95
CA TYR D 71 -35.07 10.04 7.37
C TYR D 71 -35.25 8.56 7.68
N GLU D 72 -34.33 8.17 8.56
CA GLU D 72 -34.08 6.80 8.95
C GLU D 72 -34.62 6.56 10.33
N ARG D 73 -35.85 6.04 10.34
CA ARG D 73 -36.62 5.76 11.54
C ARG D 73 -36.09 4.53 12.27
N ASN D 74 -35.87 4.80 13.57
CA ASN D 74 -35.25 3.91 14.56
C ASN D 74 -33.74 3.70 14.45
N ILE D 75 -33.14 4.24 13.38
CA ILE D 75 -31.71 4.24 13.14
C ILE D 75 -31.14 5.54 13.69
N GLU D 76 -31.52 6.67 13.10
CA GLU D 76 -30.90 7.94 13.42
C GLU D 76 -31.45 8.67 14.64
N LYS D 77 -30.63 9.61 15.11
CA LYS D 77 -30.98 10.53 16.17
C LYS D 77 -30.62 11.95 15.76
N ILE D 78 -31.61 12.84 15.90
CA ILE D 78 -31.42 14.27 15.71
C ILE D 78 -31.20 14.89 17.09
N SER D 79 -30.03 15.51 17.30
CA SER D 79 -29.66 16.11 18.58
C SER D 79 -29.43 17.61 18.47
N MET D 80 -29.72 18.30 19.56
CA MET D 80 -29.61 19.75 19.57
C MET D 80 -28.37 20.17 20.33
N LEU D 81 -27.88 21.33 19.93
CA LEU D 81 -26.64 21.84 20.45
C LEU D 81 -26.88 22.72 21.65
N GLU D 82 -26.20 22.37 22.74
CA GLU D 82 -26.13 23.21 23.91
C GLU D 82 -25.07 24.28 23.74
N LYS D 83 -23.85 23.92 23.33
CA LYS D 83 -22.81 24.91 23.24
C LYS D 83 -21.75 24.57 22.21
N ILE D 84 -21.45 25.58 21.37
CA ILE D 84 -20.31 25.59 20.44
C ILE D 84 -19.07 26.14 21.16
N TYR D 85 -17.89 25.58 20.86
CA TYR D 85 -16.61 26.05 21.37
C TYR D 85 -15.60 25.95 20.24
N ILE D 86 -15.31 27.09 19.60
CA ILE D 86 -14.30 27.16 18.56
C ILE D 86 -12.93 27.45 19.16
N HIS D 87 -11.85 26.89 18.58
CA HIS D 87 -10.52 27.07 19.11
C HIS D 87 -10.18 28.56 19.13
N PRO D 88 -9.77 29.15 20.26
CA PRO D 88 -9.44 30.57 20.36
C PRO D 88 -8.39 31.09 19.40
N ARG D 89 -7.52 30.19 18.93
CA ARG D 89 -6.46 30.57 18.02
C ARG D 89 -6.64 30.02 16.60
N TYR D 90 -7.90 29.71 16.24
CA TYR D 90 -8.30 29.40 14.87
C TYR D 90 -8.03 30.58 13.94
N ASN D 91 -7.18 30.32 12.94
CA ASN D 91 -6.75 31.33 11.98
C ASN D 91 -7.41 31.11 10.63
N TRP D 92 -8.59 31.71 10.45
CA TRP D 92 -9.33 31.60 9.20
C TRP D 92 -8.76 32.37 8.01
N ARG D 93 -8.05 33.46 8.33
CA ARG D 93 -7.52 34.36 7.31
C ARG D 93 -6.30 33.87 6.59
N GLU D 94 -5.25 33.37 7.30
CA GLU D 94 -4.04 32.94 6.64
C GLU D 94 -4.12 31.52 6.06
N ASN D 95 -4.28 30.53 6.91
CA ASN D 95 -3.94 29.16 6.56
C ASN D 95 -4.85 28.07 7.12
N LEU D 96 -5.88 28.47 7.88
CA LEU D 96 -6.82 27.58 8.55
C LEU D 96 -6.20 26.75 9.65
N ASP D 97 -5.24 27.38 10.33
CA ASP D 97 -4.57 26.76 11.45
C ASP D 97 -5.49 26.65 12.65
N ARG D 98 -5.45 25.48 13.29
CA ARG D 98 -6.34 25.09 14.39
C ARG D 98 -7.82 25.09 13.99
N ASP D 99 -8.09 24.49 12.83
CA ASP D 99 -9.44 24.38 12.31
C ASP D 99 -10.20 23.26 13.01
N ILE D 100 -10.56 23.61 14.26
CA ILE D 100 -11.16 22.68 15.19
C ILE D 100 -12.17 23.38 16.11
N ALA D 101 -13.27 22.66 16.30
CA ALA D 101 -14.35 23.10 17.15
C ALA D 101 -15.08 21.90 17.76
N LEU D 102 -15.52 22.18 18.99
CA LEU D 102 -16.13 21.20 19.84
C LEU D 102 -17.57 21.62 20.14
N MET D 103 -18.53 20.71 19.97
CA MET D 103 -19.94 21.01 20.17
C MET D 103 -20.54 20.11 21.22
N LYS D 104 -21.13 20.74 22.24
CA LYS D 104 -21.77 20.00 23.31
C LYS D 104 -23.26 19.85 23.01
N LEU D 105 -23.80 18.63 23.15
CA LEU D 105 -25.21 18.34 22.94
C LEU D 105 -26.09 18.64 24.16
N LYS D 106 -27.36 18.96 23.91
CA LYS D 106 -28.32 19.26 24.97
C LYS D 106 -28.68 18.07 25.84
N LYS D 107 -28.85 16.94 25.17
CA LYS D 107 -29.08 15.64 25.80
C LYS D 107 -27.99 14.68 25.35
N PRO D 108 -27.51 13.78 26.23
CA PRO D 108 -26.65 12.66 25.85
C PRO D 108 -27.33 11.67 24.92
N VAL D 109 -26.71 11.47 23.76
CA VAL D 109 -27.24 10.54 22.80
C VAL D 109 -26.97 9.10 23.24
N ALA D 110 -27.99 8.28 22.98
CA ALA D 110 -27.93 6.87 23.31
C ALA D 110 -27.23 6.11 22.20
N PHE D 111 -26.30 5.26 22.63
CA PHE D 111 -25.54 4.47 21.68
C PHE D 111 -26.32 3.27 21.19
N SER D 112 -26.16 2.96 19.91
CA SER D 112 -26.76 1.77 19.32
C SER D 112 -25.71 1.08 18.46
N ASP D 113 -26.17 0.21 17.55
CA ASP D 113 -25.34 -0.36 16.51
C ASP D 113 -24.90 0.66 15.46
N TYR D 114 -25.61 1.80 15.43
CA TYR D 114 -25.39 2.85 14.45
C TYR D 114 -24.75 4.09 15.04
N ILE D 115 -24.72 4.16 16.37
CA ILE D 115 -24.19 5.30 17.09
C ILE D 115 -23.20 4.79 18.15
N HIS D 116 -21.93 5.17 17.99
CA HIS D 116 -20.85 4.75 18.88
C HIS D 116 -19.69 5.72 18.72
N PRO D 117 -19.03 6.22 19.76
CA PRO D 117 -17.93 7.16 19.65
C PRO D 117 -16.61 6.56 19.18
N VAL D 118 -15.86 7.34 18.40
CA VAL D 118 -14.47 7.04 18.06
C VAL D 118 -13.57 7.43 19.24
N CYS D 119 -12.34 6.89 19.27
CA CYS D 119 -11.33 7.30 20.23
C CYS D 119 -10.52 8.48 19.75
N LEU D 120 -10.10 9.32 20.68
CA LEU D 120 -9.08 10.32 20.39
C LEU D 120 -7.68 9.74 20.50
N PRO D 121 -6.71 10.07 19.66
CA PRO D 121 -5.37 9.53 19.71
C PRO D 121 -4.57 9.91 20.94
N ASP D 122 -4.07 8.88 21.62
CA ASP D 122 -3.08 9.04 22.66
C ASP D 122 -1.67 9.16 22.08
N ARG D 123 -0.68 9.44 22.95
CA ARG D 123 0.73 9.52 22.59
C ARG D 123 1.25 8.28 21.87
N GLU D 124 0.93 7.10 22.40
CA GLU D 124 1.47 5.87 21.84
C GLU D 124 0.86 5.55 20.49
N THR D 125 -0.47 5.67 20.34
CA THR D 125 -1.13 5.45 19.06
C THR D 125 -0.66 6.46 18.03
N ALA D 126 -0.57 7.73 18.44
CA ALA D 126 -0.07 8.79 17.57
C ALA D 126 1.37 8.54 17.11
N ALA D 127 2.24 8.14 18.04
CA ALA D 127 3.58 7.71 17.69
C ALA D 127 3.60 6.48 16.76
N SER D 128 2.75 5.47 16.93
CA SER D 128 2.74 4.29 16.06
C SER D 128 2.18 4.54 14.67
N LEU D 129 1.07 5.27 14.54
CA LEU D 129 0.33 5.29 13.29
C LEU D 129 0.55 6.50 12.40
N LEU D 130 0.97 7.63 12.97
CA LEU D 130 1.14 8.87 12.25
C LEU D 130 2.46 8.89 11.50
N GLN D 131 2.49 8.07 10.46
CA GLN D 131 3.68 7.90 9.65
C GLN D 131 3.28 7.93 8.20
N ALA D 132 4.18 8.45 7.37
CA ALA D 132 3.99 8.49 5.94
C ALA D 132 3.86 7.10 5.32
N GLY D 133 2.87 6.95 4.45
CA GLY D 133 2.60 5.67 3.83
C GLY D 133 1.44 4.93 4.49
N TYR D 134 1.26 5.17 5.79
CA TYR D 134 0.16 4.57 6.54
C TYR D 134 -1.15 5.20 6.15
N LYS D 135 -2.12 4.34 5.84
CA LYS D 135 -3.42 4.76 5.41
C LYS D 135 -4.41 5.00 6.53
N GLY D 136 -5.20 6.04 6.30
CA GLY D 136 -6.34 6.36 7.13
C GLY D 136 -7.58 6.34 6.27
N ARG D 137 -8.71 6.63 6.91
CA ARG D 137 -10.00 6.57 6.27
C ARG D 137 -10.78 7.87 6.48
N VAL D 138 -11.31 8.39 5.38
CA VAL D 138 -12.06 9.62 5.35
C VAL D 138 -13.47 9.30 4.86
N THR D 139 -14.44 9.86 5.58
CA THR D 139 -15.87 9.63 5.37
C THR D 139 -16.66 10.92 5.26
N GLY D 140 -17.67 10.90 4.39
CA GLY D 140 -18.52 12.07 4.25
C GLY D 140 -19.56 11.99 3.16
N TRP D 141 -20.55 12.88 3.35
CA TRP D 141 -21.63 13.11 2.40
C TRP D 141 -21.39 14.31 1.47
N GLY D 142 -20.14 14.75 1.34
CA GLY D 142 -19.77 15.88 0.50
C GLY D 142 -19.71 15.53 -0.98
N ASN D 143 -19.18 16.47 -1.76
CA ASN D 143 -19.14 16.35 -3.21
C ASN D 143 -18.28 15.22 -3.71
N LEU D 144 -18.84 14.57 -4.74
CA LEU D 144 -18.20 13.50 -5.45
C LEU D 144 -17.16 13.95 -6.45
N LYS D 145 -17.23 15.23 -6.81
CA LYS D 145 -16.27 15.87 -7.70
C LYS D 145 -16.06 17.28 -7.21
N GLU D 146 -14.94 17.84 -7.65
CA GLU D 146 -14.62 19.25 -7.45
C GLU D 146 -15.69 20.11 -8.12
N THR D 147 -15.76 19.99 -9.46
CA THR D 147 -16.72 20.68 -10.30
C THR D 147 -17.84 19.75 -10.76
N GLY D 155 -21.50 16.92 -7.96
CA GLY D 155 -22.34 15.80 -7.59
C GLY D 155 -22.51 15.62 -6.09
N GLN D 156 -23.59 14.93 -5.70
CA GLN D 156 -23.87 14.62 -4.30
C GLN D 156 -24.23 13.15 -4.08
N PRO D 157 -23.73 12.49 -3.02
CA PRO D 157 -23.95 11.07 -2.72
C PRO D 157 -25.34 10.72 -2.23
N SER D 158 -25.79 9.51 -2.55
CA SER D 158 -27.02 8.96 -2.00
C SER D 158 -26.81 8.55 -0.54
N VAL D 159 -25.74 7.77 -0.31
CA VAL D 159 -25.35 7.30 1.01
C VAL D 159 -23.92 7.71 1.34
N LEU D 160 -23.51 7.53 2.60
CA LEU D 160 -22.18 7.90 3.08
C LEU D 160 -21.05 7.31 2.25
N GLN D 161 -20.14 8.20 1.87
CA GLN D 161 -18.96 7.83 1.10
C GLN D 161 -17.74 7.60 1.97
N VAL D 162 -16.88 6.69 1.49
CA VAL D 162 -15.68 6.27 2.21
C VAL D 162 -14.49 6.13 1.29
N VAL D 163 -13.33 6.67 1.68
CA VAL D 163 -12.10 6.48 0.95
C VAL D 163 -10.94 6.29 1.92
N ASN D 164 -10.00 5.42 1.56
CA ASN D 164 -8.80 5.19 2.36
C ASN D 164 -7.59 5.84 1.72
N LEU D 165 -6.90 6.71 2.45
CA LEU D 165 -5.80 7.48 1.88
C LEU D 165 -4.54 7.41 2.71
N PRO D 166 -3.34 7.32 2.12
CA PRO D 166 -2.06 7.32 2.85
C PRO D 166 -1.61 8.69 3.33
N ILE D 167 -1.06 8.76 4.54
CA ILE D 167 -0.38 9.96 5.02
C ILE D 167 0.81 10.24 4.11
N VAL D 168 0.93 11.50 3.72
CA VAL D 168 2.04 11.96 2.89
C VAL D 168 3.12 12.57 3.77
N GLU D 169 4.41 12.44 3.38
CA GLU D 169 5.52 13.03 4.11
C GLU D 169 5.35 14.54 4.22
N ARG D 170 5.67 15.11 5.39
CA ARG D 170 5.49 16.52 5.61
C ARG D 170 6.23 17.39 4.58
N PRO D 171 7.51 17.21 4.19
CA PRO D 171 8.16 17.93 3.10
C PRO D 171 7.40 17.95 1.80
N VAL D 172 6.74 16.85 1.45
CA VAL D 172 5.92 16.77 0.24
C VAL D 172 4.62 17.56 0.36
N CYS D 173 4.05 17.64 1.57
CA CYS D 173 2.86 18.43 1.85
C CYS D 173 3.12 19.92 1.68
N LYS D 174 4.25 20.35 2.25
CA LYS D 174 4.73 21.72 2.23
C LYS D 174 4.98 22.20 0.82
N ASP D 175 5.65 21.38 0.01
CA ASP D 175 5.99 21.74 -1.35
C ASP D 175 4.84 21.68 -2.33
N SER D 176 3.74 21.02 -1.96
CA SER D 176 2.58 20.92 -2.83
C SER D 176 1.67 22.14 -2.78
N THR D 177 1.85 23.00 -1.78
CA THR D 177 0.91 24.09 -1.57
C THR D 177 1.66 25.38 -1.29
N ARG D 178 1.00 26.47 -1.66
CA ARG D 178 1.44 27.82 -1.32
C ARG D 178 1.13 28.26 0.13
N ILE D 179 0.12 27.63 0.74
CA ILE D 179 -0.26 27.90 2.12
C ILE D 179 0.85 27.52 3.10
N ARG D 180 1.08 28.40 4.06
CA ARG D 180 2.01 28.15 5.13
C ARG D 180 1.40 27.09 6.05
N ILE D 181 1.86 25.85 5.89
CA ILE D 181 1.35 24.78 6.71
C ILE D 181 2.05 24.70 8.05
N THR D 182 1.25 24.36 9.06
CA THR D 182 1.75 24.24 10.42
C THR D 182 1.74 22.77 10.87
N ASP D 183 2.25 22.52 12.07
CA ASP D 183 2.18 21.20 12.66
C ASP D 183 0.79 20.82 13.13
N ASN D 184 -0.15 21.77 13.19
CA ASN D 184 -1.54 21.45 13.49
C ASN D 184 -2.33 20.95 12.30
N MET D 185 -1.61 20.67 11.21
CA MET D 185 -2.21 20.07 10.05
C MET D 185 -1.32 19.00 9.47
N PHE D 186 -1.93 17.99 8.85
CA PHE D 186 -1.17 17.03 8.07
C PHE D 186 -1.83 16.82 6.73
N CYS D 187 -1.13 16.35 5.70
CA CYS D 187 -1.80 16.02 4.45
C CYS D 187 -1.84 14.54 4.15
N ALA D 188 -2.82 14.14 3.35
CA ALA D 188 -2.97 12.76 2.95
C ALA D 188 -3.46 12.66 1.53
N GLY D 189 -3.22 11.51 0.89
CA GLY D 189 -3.68 11.27 -0.46
C GLY D 189 -2.59 10.65 -1.31
N TYR D 190 -2.96 10.11 -2.47
CA TYR D 190 -2.01 9.54 -3.40
C TYR D 190 -1.20 10.52 -4.23
N LYS D 191 0.08 10.14 -4.43
CA LYS D 191 0.98 10.84 -5.33
C LYS D 191 0.61 10.55 -6.79
N PRO D 192 1.01 11.38 -7.76
CA PRO D 192 0.71 11.21 -9.18
C PRO D 192 1.12 9.87 -9.81
N ASP D 193 2.19 9.29 -9.27
CA ASP D 193 2.70 8.01 -9.73
C ASP D 193 2.16 6.76 -9.01
N GLU D 194 1.33 6.96 -7.98
CA GLU D 194 0.77 5.87 -7.21
C GLU D 194 -0.46 5.19 -7.80
N GLY D 195 -1.03 5.75 -8.87
CA GLY D 195 -2.06 5.08 -9.64
C GLY D 195 -3.48 5.27 -9.13
N LYS D 196 -3.67 5.20 -7.81
CA LYS D 196 -4.98 5.35 -7.22
C LYS D 196 -5.29 6.82 -6.96
N ARG D 197 -6.58 7.06 -6.78
CA ARG D 197 -7.09 8.40 -6.55
C ARG D 197 -7.93 8.46 -5.28
N GLY D 198 -8.40 9.67 -4.96
CA GLY D 198 -9.30 9.86 -3.85
C GLY D 198 -8.92 11.10 -3.08
N ASP D 199 -9.99 11.76 -2.60
CA ASP D 199 -9.85 12.95 -1.79
C ASP D 199 -11.17 13.26 -1.10
N ALA D 200 -11.08 14.04 -0.02
CA ALA D 200 -12.23 14.75 0.51
C ALA D 200 -12.52 15.97 -0.37
N CYS D 201 -13.74 16.50 -0.35
CA CYS D 201 -14.07 17.64 -1.19
C CYS D 201 -15.00 18.59 -0.45
N GLU D 202 -15.83 19.35 -1.17
CA GLU D 202 -16.69 20.31 -0.52
C GLU D 202 -17.85 19.64 0.19
N GLY D 203 -18.03 20.07 1.44
CA GLY D 203 -19.03 19.51 2.34
C GLY D 203 -18.48 18.45 3.29
N ASP D 204 -17.26 17.97 3.03
CA ASP D 204 -16.65 16.91 3.82
C ASP D 204 -16.00 17.35 5.09
N SER D 205 -15.65 18.64 5.18
CA SER D 205 -15.01 19.20 6.36
C SER D 205 -15.69 18.86 7.67
N GLY D 206 -14.85 18.73 8.70
CA GLY D 206 -15.34 18.31 9.99
C GLY D 206 -15.42 16.80 10.09
N GLY D 207 -15.49 16.12 8.94
CA GLY D 207 -15.49 14.66 8.86
C GLY D 207 -14.18 14.06 9.37
N PRO D 208 -14.22 12.86 9.97
CA PRO D 208 -13.05 12.20 10.54
C PRO D 208 -12.09 11.54 9.55
N PHE D 209 -10.78 11.73 9.77
CA PHE D 209 -9.76 10.85 9.20
C PHE D 209 -9.39 9.88 10.31
N VAL D 210 -9.81 8.62 10.16
CA VAL D 210 -9.66 7.60 11.20
C VAL D 210 -8.62 6.55 10.85
N MET D 211 -7.88 6.08 11.85
CA MET D 211 -6.98 4.94 11.68
C MET D 211 -7.31 3.80 12.65
N LYS D 212 -7.19 2.54 12.23
CA LYS D 212 -7.42 1.39 13.11
C LYS D 212 -6.12 0.94 13.77
N SER D 213 -6.10 0.85 15.11
CA SER D 213 -4.94 0.35 15.83
C SER D 213 -4.73 -1.15 15.63
N PRO D 214 -3.52 -1.62 15.24
CA PRO D 214 -3.15 -3.04 15.22
C PRO D 214 -2.95 -3.62 16.63
N PHE D 215 -2.68 -2.73 17.60
CA PHE D 215 -2.44 -3.05 19.00
C PHE D 215 -3.72 -3.41 19.74
N ASN D 216 -4.78 -2.61 19.65
CA ASN D 216 -5.98 -2.85 20.44
C ASN D 216 -7.27 -2.89 19.65
N ASN D 217 -7.22 -2.90 18.31
CA ASN D 217 -8.39 -2.89 17.44
C ASN D 217 -9.35 -1.71 17.47
N ARG D 218 -8.96 -0.62 18.12
CA ARG D 218 -9.79 0.57 18.20
C ARG D 218 -9.51 1.51 17.05
N TRP D 219 -10.60 2.11 16.54
CA TRP D 219 -10.48 3.19 15.56
C TRP D 219 -10.23 4.51 16.27
N TYR D 220 -9.25 5.25 15.75
CA TYR D 220 -8.81 6.50 16.35
C TYR D 220 -8.97 7.63 15.36
N GLN D 221 -9.43 8.79 15.81
CA GLN D 221 -9.53 9.92 14.91
C GLN D 221 -8.27 10.76 14.92
N MET D 222 -7.51 10.67 13.83
CA MET D 222 -6.25 11.39 13.73
C MET D 222 -6.38 12.77 13.08
N GLY D 223 -7.38 12.94 12.22
CA GLY D 223 -7.56 14.16 11.49
C GLY D 223 -9.02 14.57 11.37
N ILE D 224 -9.18 15.89 11.14
CA ILE D 224 -10.46 16.48 10.73
C ILE D 224 -10.31 17.03 9.31
N VAL D 225 -11.19 16.72 8.33
CA VAL D 225 -11.15 17.34 7.01
C VAL D 225 -11.22 18.86 7.17
N SER D 226 -10.28 19.54 6.52
CA SER D 226 -10.04 20.95 6.75
C SER D 226 -10.01 21.72 5.44
N TRP D 227 -9.10 21.38 4.50
CA TRP D 227 -8.87 22.18 3.30
C TRP D 227 -8.15 21.48 2.15
N GLY D 228 -8.10 22.16 1.00
CA GLY D 228 -7.34 21.73 -0.16
C GLY D 228 -7.44 22.71 -1.32
N GLU D 229 -6.55 22.54 -2.31
CA GLU D 229 -6.63 23.22 -3.60
C GLU D 229 -7.43 22.38 -4.57
N GLY D 230 -8.72 22.69 -4.67
CA GLY D 230 -9.63 21.89 -5.47
C GLY D 230 -9.95 20.55 -4.81
N CYS D 231 -10.13 19.50 -5.60
CA CYS D 231 -10.45 18.18 -5.09
C CYS D 231 -9.92 17.11 -6.02
N ASP D 232 -9.10 16.22 -5.44
CA ASP D 232 -8.45 15.10 -6.11
C ASP D 232 -7.63 15.51 -7.34
N ARG D 233 -6.79 16.52 -7.13
CA ARG D 233 -5.89 16.99 -8.18
C ARG D 233 -4.52 16.33 -8.04
N ASP D 234 -3.90 16.03 -9.19
CA ASP D 234 -2.57 15.45 -9.20
C ASP D 234 -1.51 16.39 -8.69
N GLY D 235 -0.72 15.86 -7.77
CA GLY D 235 0.32 16.62 -7.10
C GLY D 235 -0.26 17.49 -5.99
N LYS D 236 -1.57 17.39 -5.72
CA LYS D 236 -2.21 18.06 -4.60
C LYS D 236 -2.82 17.06 -3.64
N TYR D 237 -2.86 17.47 -2.36
CA TYR D 237 -3.28 16.60 -1.25
C TYR D 237 -4.29 17.29 -0.34
N GLY D 238 -5.25 16.50 0.14
CA GLY D 238 -6.17 16.95 1.16
C GLY D 238 -5.48 17.23 2.48
N PHE D 239 -5.83 18.34 3.14
CA PHE D 239 -5.24 18.70 4.42
C PHE D 239 -6.22 18.53 5.55
N TYR D 240 -5.65 18.13 6.69
CA TYR D 240 -6.43 17.64 7.80
C TYR D 240 -5.94 18.30 9.06
N THR D 241 -6.85 18.70 9.93
CA THR D 241 -6.51 19.17 11.26
C THR D 241 -5.93 18.01 12.05
N HIS D 242 -4.77 18.22 12.66
CA HIS D 242 -4.07 17.20 13.42
C HIS D 242 -4.69 17.10 14.82
N VAL D 243 -5.57 16.11 15.05
CA VAL D 243 -6.30 15.97 16.33
C VAL D 243 -5.38 15.75 17.53
N PHE D 244 -4.31 14.95 17.41
CA PHE D 244 -3.40 14.73 18.51
C PHE D 244 -2.72 16.00 18.99
N ARG D 245 -2.24 16.87 18.10
CA ARG D 245 -1.56 18.08 18.52
C ARG D 245 -2.43 19.15 19.17
N LEU D 246 -3.76 19.04 18.98
CA LEU D 246 -4.77 19.90 19.59
C LEU D 246 -5.64 19.23 20.64
N LYS D 247 -5.13 18.09 21.15
CA LYS D 247 -5.84 17.23 22.08
C LYS D 247 -5.89 17.81 23.48
N LYS D 248 -4.82 18.50 23.87
CA LYS D 248 -4.75 19.24 25.12
C LYS D 248 -5.88 20.27 25.22
N TRP D 249 -6.14 21.01 24.12
CA TRP D 249 -7.31 21.86 23.98
C TRP D 249 -8.63 21.10 24.09
N ILE D 250 -8.80 20.02 23.31
CA ILE D 250 -9.99 19.16 23.34
C ILE D 250 -10.32 18.72 24.76
N GLN D 251 -9.29 18.32 25.50
CA GLN D 251 -9.46 17.86 26.87
C GLN D 251 -9.74 18.99 27.84
N LYS D 252 -9.06 20.13 27.69
CA LYS D 252 -9.25 21.28 28.57
C LYS D 252 -10.68 21.81 28.52
N VAL D 253 -11.27 21.85 27.31
CA VAL D 253 -12.65 22.27 27.08
C VAL D 253 -13.68 21.32 27.68
N ILE D 254 -13.52 20.01 27.47
CA ILE D 254 -14.41 19.00 28.04
C ILE D 254 -14.32 18.97 29.55
N ASP D 255 -13.11 19.08 30.13
CA ASP D 255 -12.97 19.25 31.57
C ASP D 255 -13.69 20.50 32.09
N GLN D 256 -13.27 21.66 31.60
CA GLN D 256 -13.80 22.96 32.02
C GLN D 256 -15.14 23.29 31.38
N PHE D 257 -16.20 22.70 31.95
CA PHE D 257 -17.56 22.90 31.49
C PHE D 257 -17.77 22.31 30.11
N GLY D 258 -18.07 21.03 29.94
CA GLY D 258 -18.23 20.11 31.04
C GLY D 258 -18.82 18.79 30.58
N THR E 1 -6.40 -20.68 1.82
CA THR E 1 -5.40 -21.40 1.04
C THR E 1 -5.51 -20.98 -0.42
N VAL E 2 -4.40 -20.54 -1.02
CA VAL E 2 -4.42 -19.97 -2.36
C VAL E 2 -4.94 -20.88 -3.46
N GLU E 3 -4.93 -22.22 -3.26
CA GLU E 3 -5.58 -23.09 -4.24
C GLU E 3 -7.10 -23.01 -4.29
N LEU E 4 -7.73 -22.56 -3.20
CA LEU E 4 -9.13 -22.16 -3.20
C LEU E 4 -9.50 -21.02 -4.13
N GLN E 5 -8.48 -20.34 -4.68
CA GLN E 5 -8.66 -19.33 -5.70
C GLN E 5 -8.03 -19.77 -7.01
N GLY E 6 -7.72 -21.07 -7.14
CA GLY E 6 -7.13 -21.62 -8.35
C GLY E 6 -5.63 -21.31 -8.53
N VAL E 7 -4.94 -20.86 -7.49
CA VAL E 7 -3.54 -20.46 -7.55
C VAL E 7 -2.61 -21.51 -6.96
N VAL E 8 -1.50 -21.70 -7.68
CA VAL E 8 -0.38 -22.48 -7.20
C VAL E 8 0.80 -21.55 -6.92
N PRO E 9 1.51 -21.63 -5.79
CA PRO E 9 2.76 -20.93 -5.55
C PRO E 9 3.80 -21.46 -6.53
N AR7 E 10 4.72 -20.60 -6.98
CA AR7 E 10 5.76 -21.06 -7.91
C AR7 E 10 7.16 -21.34 -7.31
O AR7 E 10 7.86 -22.12 -7.97
CB AR7 E 10 5.81 -20.08 -9.07
CG AR7 E 10 4.56 -20.12 -9.90
CD AR7 E 10 4.59 -18.98 -10.88
NE AR7 E 10 3.48 -19.12 -11.79
CZ AR7 E 10 3.32 -18.31 -12.85
NH1 AR7 E 10 4.12 -17.27 -13.06
NH2 AR7 E 10 2.33 -18.58 -13.71
C1 0QE E 11 7.08 -21.66 -5.81
N THR F 1 -6.30 35.36 2.76
CA THR F 1 -4.94 35.01 2.37
C THR F 1 -4.84 33.50 2.06
N VAL F 2 -5.95 32.78 2.23
CA VAL F 2 -6.04 31.36 1.91
C VAL F 2 -6.51 31.15 0.47
N GLU F 3 -7.40 32.04 -0.01
CA GLU F 3 -8.03 31.97 -1.31
C GLU F 3 -7.13 32.24 -2.51
N LEU F 4 -6.25 33.26 -2.49
CA LEU F 4 -5.32 33.46 -3.60
C LEU F 4 -3.95 32.86 -3.33
N GLN F 5 -3.83 32.13 -2.23
CA GLN F 5 -2.86 31.06 -2.17
C GLN F 5 -3.33 29.72 -2.72
N GLY F 6 -4.50 29.81 -3.39
CA GLY F 6 -5.10 28.78 -4.23
C GLY F 6 -6.12 27.92 -3.50
N VAL F 7 -6.28 28.08 -2.17
CA VAL F 7 -7.02 27.13 -1.36
C VAL F 7 -8.47 27.50 -1.04
N VAL F 8 -9.30 26.46 -1.04
CA VAL F 8 -10.67 26.54 -0.54
C VAL F 8 -10.83 25.71 0.74
N PRO F 9 -11.46 26.25 1.81
CA PRO F 9 -11.89 25.50 2.98
C PRO F 9 -12.90 24.43 2.58
N AR7 F 10 -12.79 23.27 3.21
CA AR7 F 10 -13.73 22.19 2.98
C AR7 F 10 -14.85 21.98 4.01
O AR7 F 10 -15.83 21.35 3.60
CB AR7 F 10 -12.96 20.90 2.76
CG AR7 F 10 -12.20 20.87 1.46
CD AR7 F 10 -11.34 19.63 1.42
NE AR7 F 10 -10.62 19.56 0.17
CZ AR7 F 10 -9.74 18.59 -0.10
NH1 AR7 F 10 -9.45 17.64 0.80
NH2 AR7 F 10 -9.17 18.55 -1.31
C1 0QE F 11 -15.14 23.26 4.81
NA NA G . -1.18 -14.85 -19.62
NA NA H . -4.16 14.55 -5.40
#